data_3L6H
#
_entry.id   3L6H
#
_cell.length_a   111.706
_cell.length_b   111.706
_cell.length_c   151.728
_cell.angle_alpha   90.00
_cell.angle_beta   90.00
_cell.angle_gamma   120.00
#
_symmetry.space_group_name_H-M   'H 3 2'
#
loop_
_entity.id
_entity.type
_entity.pdbx_description
1 polymer 'Betaine ABC transporter permease and substrate binding protein'
2 non-polymer 'TRIMETHYL GLYCINE'
3 non-polymer 'CHLORIDE ION'
4 water water
#
_entity_poly.entity_id   1
_entity_poly.type   'polypeptide(L)'
_entity_poly.pdbx_seq_one_letter_code
;DKKVDLVYMNWDSEVASINVLTQAMKEHGFDVKTTALDNAVAWQTVANGQADGMVSAWLPNTHKTQWQKYGKSVDLLGPN
LKGAKVGFVVPSYMNVNSIEDLTNQANKTITGIEPGAGVMAASEKTLNSYDNLKDWKLVPSSSGAMTVALGEAIKQHKDI
VITGWSPHWMFNKYDLKYLADPKGTMGTSENINTIVRKGLKKENPEAYKVLDKFNWTTKDMEAVMLDIQNGKTPEEAAKN
WIKDHQKEVDKWFKGS
;
_entity_poly.pdbx_strand_id   A
#
# COMPACT_ATOMS: atom_id res chain seq x y z
N ASP A 1 -26.36 18.25 -1.91
CA ASP A 1 -25.58 17.61 -3.01
C ASP A 1 -24.19 17.21 -2.51
N LYS A 2 -24.11 16.08 -1.81
CA LYS A 2 -22.83 15.59 -1.29
C LYS A 2 -22.06 14.86 -2.38
N LYS A 3 -20.76 15.12 -2.43
CA LYS A 3 -19.94 14.77 -3.59
C LYS A 3 -18.47 14.57 -3.18
N VAL A 4 -17.80 13.60 -3.79
CA VAL A 4 -16.37 13.38 -3.53
C VAL A 4 -15.67 12.61 -4.67
N ASP A 5 -14.44 13.03 -4.96
CA ASP A 5 -13.65 12.48 -6.07
C ASP A 5 -12.33 11.94 -5.50
N LEU A 6 -12.17 10.62 -5.50
CA LEU A 6 -11.02 9.96 -4.87
C LEU A 6 -10.15 9.23 -5.89
N VAL A 7 -8.85 9.17 -5.61
CA VAL A 7 -7.92 8.38 -6.42
C VAL A 7 -7.23 7.33 -5.56
N TYR A 8 -6.74 6.28 -6.21
CA TYR A 8 -6.02 5.20 -5.52
C TYR A 8 -5.11 4.48 -6.52
N MET A 9 -4.28 3.58 -6.01
CA MET A 9 -3.32 2.84 -6.84
C MET A 9 -3.66 1.35 -6.88
N ASN A 10 -3.10 0.65 -7.85
CA ASN A 10 -3.39 -0.77 -8.05
C ASN A 10 -2.51 -1.69 -7.20
N TRP A 11 -2.67 -1.57 -5.88
CA TRP A 11 -2.09 -2.50 -4.91
C TRP A 11 -3.25 -3.06 -4.12
N ASP A 12 -3.19 -4.36 -3.82
CA ASP A 12 -4.31 -5.04 -3.14
C ASP A 12 -4.73 -4.32 -1.85
N SER A 13 -3.76 -3.73 -1.16
CA SER A 13 -4.02 -2.97 0.06
C SER A 13 -4.92 -1.75 -0.18
N GLU A 14 -4.66 -1.01 -1.25
CA GLU A 14 -5.41 0.23 -1.53
C GLU A 14 -6.75 -0.03 -2.22
N VAL A 15 -6.90 -1.17 -2.90
CA VAL A 15 -8.19 -1.58 -3.43
C VAL A 15 -9.17 -1.84 -2.27
N ALA A 16 -8.68 -2.47 -1.22
CA ALA A 16 -9.49 -2.72 -0.03
C ALA A 16 -9.92 -1.42 0.66
N SER A 17 -8.98 -0.53 0.91
CA SER A 17 -9.26 0.70 1.64
C SER A 17 -10.18 1.65 0.88
N ILE A 18 -9.93 1.86 -0.41
CA ILE A 18 -10.77 2.75 -1.22
C ILE A 18 -12.20 2.22 -1.36
N ASN A 19 -12.36 0.90 -1.46
CA ASN A 19 -13.70 0.30 -1.54
C ASN A 19 -14.48 0.38 -0.22
N VAL A 20 -13.77 0.24 0.90
CA VAL A 20 -14.39 0.37 2.21
C VAL A 20 -14.88 1.80 2.44
N LEU A 21 -14.04 2.78 2.11
CA LEU A 21 -14.39 4.19 2.29
C LEU A 21 -15.52 4.60 1.35
N THR A 22 -15.42 4.19 0.09
CA THR A 22 -16.41 4.51 -0.93
C THR A 22 -17.80 4.01 -0.53
N GLN A 23 -17.90 2.74 -0.17
CA GLN A 23 -19.19 2.16 0.23
C GLN A 23 -19.74 2.81 1.50
N ALA A 24 -18.87 3.07 2.46
CA ALA A 24 -19.27 3.76 3.69
C ALA A 24 -19.87 5.12 3.35
N MET A 25 -19.15 5.90 2.53
CA MET A 25 -19.60 7.24 2.15
C MET A 25 -20.90 7.20 1.33
N LYS A 26 -21.03 6.19 0.45
CA LYS A 26 -22.27 6.00 -0.32
C LYS A 26 -23.47 5.74 0.59
N GLU A 27 -23.26 4.93 1.63
CA GLU A 27 -24.32 4.65 2.61
C GLU A 27 -24.74 5.90 3.40
N HIS A 28 -23.85 6.90 3.44
CA HIS A 28 -24.16 8.17 4.09
C HIS A 28 -24.47 9.31 3.10
N GLY A 29 -24.92 8.95 1.89
CA GLY A 29 -25.46 9.92 0.94
C GLY A 29 -24.50 10.60 -0.02
N PHE A 30 -23.23 10.21 -0.03
CA PHE A 30 -22.25 10.80 -0.94
C PHE A 30 -22.33 10.20 -2.35
N ASP A 31 -22.17 11.05 -3.36
CA ASP A 31 -21.92 10.60 -4.73
C ASP A 31 -20.40 10.47 -4.87
N VAL A 32 -19.91 9.23 -5.00
CA VAL A 32 -18.48 8.95 -4.98
C VAL A 32 -17.93 8.50 -6.33
N LYS A 33 -16.86 9.14 -6.77
CA LYS A 33 -16.14 8.77 -8.00
C LYS A 33 -14.73 8.33 -7.61
N THR A 34 -14.29 7.17 -8.12
CA THR A 34 -12.94 6.67 -7.86
C THR A 34 -12.19 6.38 -9.17
N THR A 35 -10.87 6.59 -9.15
CA THR A 35 -10.01 6.35 -10.31
C THR A 35 -8.70 5.67 -9.88
N ALA A 36 -8.38 4.53 -10.49
CA ALA A 36 -7.11 3.84 -10.23
C ALA A 36 -6.02 4.44 -11.11
N LEU A 37 -4.89 4.79 -10.49
CA LEU A 37 -3.78 5.46 -11.19
C LEU A 37 -2.42 4.97 -10.69
N ASP A 38 -1.38 5.24 -11.50
CA ASP A 38 0.01 5.06 -11.06
C ASP A 38 0.29 5.94 -9.85
N ASN A 39 1.22 5.49 -9.01
CA ASN A 39 1.62 6.22 -7.79
C ASN A 39 1.81 7.72 -8.02
N ALA A 40 2.76 8.08 -8.87
CA ALA A 40 3.09 9.49 -9.13
C ALA A 40 1.92 10.29 -9.69
N VAL A 41 1.07 9.64 -10.49
CA VAL A 41 -0.07 10.31 -11.13
C VAL A 41 -1.18 10.61 -10.12
N ALA A 42 -1.41 9.69 -9.18
CA ALA A 42 -2.37 9.92 -8.11
C ALA A 42 -1.97 11.14 -7.28
N TRP A 43 -0.69 11.20 -6.89
CA TRP A 43 -0.16 12.35 -6.15
C TRP A 43 -0.34 13.66 -6.92
N GLN A 44 -0.01 13.63 -8.21
CA GLN A 44 -0.12 14.81 -9.07
C GLN A 44 -1.57 15.28 -9.21
N THR A 45 -2.48 14.33 -9.32
CA THR A 45 -3.90 14.63 -9.48
C THR A 45 -4.47 15.36 -8.25
N VAL A 46 -4.12 14.89 -7.05
CA VAL A 46 -4.52 15.58 -5.82
C VAL A 46 -3.84 16.96 -5.72
N ALA A 47 -2.57 17.01 -6.11
CA ALA A 47 -1.79 18.25 -6.06
C ALA A 47 -2.31 19.34 -7.00
N ASN A 48 -2.89 18.93 -8.14
CA ASN A 48 -3.49 19.87 -9.10
C ASN A 48 -4.93 20.25 -8.76
N GLY A 49 -5.55 19.51 -7.84
CA GLY A 49 -6.93 19.76 -7.43
C GLY A 49 -7.97 19.10 -8.33
N GLN A 50 -7.56 18.09 -9.09
CA GLN A 50 -8.46 17.36 -9.98
C GLN A 50 -9.14 16.21 -9.26
N ALA A 51 -8.54 15.77 -8.16
CA ALA A 51 -9.16 14.83 -7.23
C ALA A 51 -9.20 15.47 -5.84
N ASP A 52 -10.16 15.06 -5.03
CA ASP A 52 -10.32 15.62 -3.68
C ASP A 52 -9.31 15.07 -2.69
N GLY A 53 -8.90 13.82 -2.88
CA GLY A 53 -7.90 13.21 -2.02
C GLY A 53 -7.63 11.74 -2.28
N MET A 54 -6.85 11.15 -1.38
CA MET A 54 -6.56 9.73 -1.41
C MET A 54 -6.19 9.27 0.00
N VAL A 55 -6.28 7.96 0.22
CA VAL A 55 -6.00 7.36 1.53
C VAL A 55 -4.87 6.34 1.40
N SER A 56 -3.97 6.57 0.45
CA SER A 56 -2.93 5.61 0.09
C SER A 56 -1.52 6.22 0.04
N ALA A 57 -1.23 7.14 0.95
CA ALA A 57 0.09 7.76 1.02
C ALA A 57 0.96 7.03 2.06
N TRP A 58 1.91 6.24 1.57
CA TRP A 58 2.83 5.49 2.43
C TRP A 58 4.01 6.38 2.80
N LEU A 59 4.04 6.85 4.05
CA LEU A 59 4.99 7.84 4.51
C LEU A 59 5.63 7.42 5.84
N PRO A 60 6.84 7.94 6.14
CA PRO A 60 7.63 8.94 5.40
C PRO A 60 8.47 8.41 4.24
N ASN A 61 9.03 7.20 4.37
CA ASN A 61 10.06 6.72 3.42
C ASN A 61 9.56 6.18 2.07
N THR A 62 8.47 5.43 2.08
CA THR A 62 8.04 4.71 0.87
C THR A 62 7.73 5.66 -0.28
N HIS A 63 6.99 6.74 -0.02
CA HIS A 63 6.66 7.73 -1.04
C HIS A 63 7.38 9.06 -0.85
N LYS A 64 8.64 9.00 -0.41
CA LYS A 64 9.42 10.20 -0.13
C LYS A 64 9.66 11.06 -1.38
N THR A 65 9.88 10.41 -2.52
CA THR A 65 10.07 11.12 -3.79
C THR A 65 8.84 11.98 -4.14
N GLN A 66 7.65 11.42 -3.89
CA GLN A 66 6.40 12.14 -4.19
C GLN A 66 6.16 13.26 -3.17
N TRP A 67 6.50 13.00 -1.91
CA TRP A 67 6.35 14.00 -0.85
C TRP A 67 7.28 15.20 -1.07
N GLN A 68 8.50 14.95 -1.55
CA GLN A 68 9.43 16.04 -1.88
C GLN A 68 8.92 16.91 -3.03
N LYS A 69 8.27 16.27 -4.01
CA LYS A 69 7.77 16.97 -5.19
C LYS A 69 6.43 17.67 -4.93
N TYR A 70 5.49 16.94 -4.33
CA TYR A 70 4.10 17.41 -4.21
C TYR A 70 3.64 17.76 -2.79
N GLY A 71 4.52 17.59 -1.80
CA GLY A 71 4.16 17.79 -0.39
C GLY A 71 3.62 19.17 -0.07
N LYS A 72 4.18 20.20 -0.69
CA LYS A 72 3.77 21.58 -0.45
C LYS A 72 2.43 21.93 -1.11
N SER A 73 1.97 21.10 -2.05
CA SER A 73 0.76 21.37 -2.81
C SER A 73 -0.47 20.58 -2.31
N VAL A 74 -0.34 19.89 -1.17
CA VAL A 74 -1.45 19.13 -0.61
C VAL A 74 -1.54 19.29 0.90
N ASP A 75 -2.64 18.82 1.48
CA ASP A 75 -2.84 18.83 2.93
C ASP A 75 -2.73 17.42 3.49
N LEU A 76 -1.67 17.16 4.25
CA LEU A 76 -1.50 15.89 4.94
C LEU A 76 -2.40 15.84 6.18
N LEU A 77 -3.37 14.92 6.16
CA LEU A 77 -4.31 14.77 7.28
C LEU A 77 -3.83 13.79 8.35
N GLY A 78 -2.82 12.98 8.03
CA GLY A 78 -2.21 12.07 9.00
C GLY A 78 -2.51 10.60 8.77
N PRO A 79 -1.93 9.72 9.60
CA PRO A 79 -2.08 8.27 9.44
C PRO A 79 -3.52 7.77 9.53
N ASN A 80 -3.91 6.89 8.61
CA ASN A 80 -5.18 6.17 8.71
C ASN A 80 -4.98 4.68 9.06
N LEU A 81 -3.78 4.17 8.85
CA LEU A 81 -3.40 2.83 9.30
C LEU A 81 -1.98 2.86 9.82
N LYS A 82 -1.80 2.53 11.09
CA LYS A 82 -0.51 2.64 11.75
C LYS A 82 0.27 1.33 11.68
N GLY A 83 1.60 1.43 11.61
CA GLY A 83 2.47 0.27 11.72
C GLY A 83 2.54 -0.59 10.48
N ALA A 84 2.53 0.04 9.31
CA ALA A 84 2.75 -0.66 8.05
C ALA A 84 4.25 -0.90 7.89
N LYS A 85 4.63 -1.73 6.92
CA LYS A 85 6.04 -1.94 6.61
C LYS A 85 6.31 -2.41 5.19
N VAL A 86 7.54 -2.18 4.76
CA VAL A 86 8.03 -2.57 3.44
C VAL A 86 9.37 -3.26 3.66
N GLY A 87 9.73 -4.19 2.77
CA GLY A 87 11.03 -4.86 2.88
C GLY A 87 11.22 -6.03 1.94
N PHE A 88 12.40 -6.63 2.01
CA PHE A 88 12.66 -7.86 1.27
C PHE A 88 12.04 -9.04 2.02
N VAL A 89 11.21 -9.79 1.32
CA VAL A 89 10.50 -10.94 1.91
C VAL A 89 10.92 -12.21 1.19
N VAL A 90 11.17 -13.27 1.97
CA VAL A 90 11.56 -14.57 1.44
C VAL A 90 10.67 -15.66 2.04
N PRO A 91 10.58 -16.82 1.35
CA PRO A 91 9.94 -17.97 1.99
C PRO A 91 10.71 -18.35 3.26
N SER A 92 10.00 -18.86 4.26
CA SER A 92 10.63 -19.19 5.54
C SER A 92 11.62 -20.36 5.46
N TYR A 93 11.53 -21.16 4.38
CA TYR A 93 12.48 -22.25 4.18
C TYR A 93 13.87 -21.78 3.71
N MET A 94 13.99 -20.53 3.28
CA MET A 94 15.30 -19.99 2.90
C MET A 94 16.17 -19.73 4.13
N ASN A 95 17.44 -20.13 4.04
CA ASN A 95 18.36 -20.06 5.17
C ASN A 95 18.78 -18.64 5.59
N VAL A 96 18.64 -17.66 4.70
CA VAL A 96 19.04 -16.28 5.01
C VAL A 96 17.99 -15.56 5.86
N ASN A 97 18.46 -14.76 6.82
CA ASN A 97 17.59 -13.99 7.70
C ASN A 97 17.79 -12.47 7.66
N SER A 98 18.86 -12.01 7.01
CA SER A 98 19.18 -10.59 6.92
C SER A 98 19.62 -10.21 5.51
N ILE A 99 19.42 -8.95 5.15
CA ILE A 99 19.84 -8.44 3.84
C ILE A 99 21.36 -8.50 3.69
N GLU A 100 22.08 -8.42 4.82
CA GLU A 100 23.54 -8.58 4.85
C GLU A 100 24.01 -10.00 4.52
N ASP A 101 23.15 -11.00 4.71
CA ASP A 101 23.48 -12.42 4.46
C ASP A 101 23.36 -12.85 3.00
N LEU A 102 22.65 -12.08 2.18
CA LEU A 102 22.44 -12.45 0.77
C LEU A 102 23.74 -12.45 -0.01
N THR A 103 23.95 -13.52 -0.79
CA THR A 103 25.15 -13.64 -1.63
C THR A 103 24.79 -14.01 -3.06
N ASN A 104 24.54 -15.29 -3.32
CA ASN A 104 24.27 -15.78 -4.68
C ASN A 104 22.94 -16.53 -4.82
N GLN A 105 22.02 -16.30 -3.88
CA GLN A 105 20.70 -16.94 -3.92
C GLN A 105 19.83 -16.29 -4.98
N ALA A 106 18.84 -17.04 -5.47
CA ALA A 106 17.77 -16.51 -6.32
C ALA A 106 18.28 -15.76 -7.56
N ASN A 107 19.37 -16.25 -8.14
CA ASN A 107 19.96 -15.63 -9.33
C ASN A 107 20.34 -14.16 -9.09
N LYS A 108 20.65 -13.82 -7.84
CA LYS A 108 20.97 -12.46 -7.44
C LYS A 108 19.95 -11.43 -7.93
N THR A 109 18.67 -11.80 -7.85
CA THR A 109 17.58 -10.99 -8.37
C THR A 109 16.55 -10.66 -7.28
N ILE A 110 16.15 -9.39 -7.22
CA ILE A 110 15.02 -8.96 -6.41
C ILE A 110 13.82 -8.89 -7.35
N THR A 111 12.79 -9.68 -7.07
CA THR A 111 11.58 -9.71 -7.88
C THR A 111 10.66 -8.58 -7.42
N GLY A 112 10.50 -7.56 -8.27
CA GLY A 112 9.77 -6.35 -7.90
C GLY A 112 8.37 -6.25 -8.50
N ILE A 113 7.74 -5.11 -8.25
CA ILE A 113 6.41 -4.79 -8.81
C ILE A 113 6.60 -3.72 -9.90
N GLU A 114 5.58 -2.89 -10.16
CA GLU A 114 5.69 -1.89 -11.23
C GLU A 114 6.76 -0.85 -10.88
N PRO A 115 7.51 -0.36 -11.88
CA PRO A 115 8.68 0.50 -11.63
C PRO A 115 8.40 1.78 -10.83
N GLY A 116 7.19 2.30 -10.89
CA GLY A 116 6.86 3.57 -10.23
C GLY A 116 6.51 3.49 -8.76
N ALA A 117 6.39 2.29 -8.21
CA ALA A 117 6.04 2.11 -6.79
C ALA A 117 7.17 2.59 -5.88
N GLY A 118 6.81 3.09 -4.70
CA GLY A 118 7.78 3.57 -3.72
C GLY A 118 8.73 2.52 -3.19
N VAL A 119 8.25 1.28 -3.09
CA VAL A 119 9.06 0.16 -2.60
C VAL A 119 10.19 -0.15 -3.57
N MET A 120 9.99 0.17 -4.85
CA MET A 120 11.02 -0.05 -5.87
C MET A 120 12.15 0.96 -5.72
N ALA A 121 11.82 2.23 -5.47
CA ALA A 121 12.82 3.26 -5.20
C ALA A 121 13.66 2.91 -3.97
N ALA A 122 13.00 2.45 -2.92
CA ALA A 122 13.69 2.03 -1.69
C ALA A 122 14.56 0.79 -1.94
N SER A 123 14.09 -0.12 -2.78
CA SER A 123 14.86 -1.31 -3.16
C SER A 123 16.14 -0.93 -3.90
N GLU A 124 16.05 0.09 -4.76
CA GLU A 124 17.21 0.58 -5.52
C GLU A 124 18.23 1.26 -4.60
N LYS A 125 17.74 2.02 -3.63
CA LYS A 125 18.59 2.60 -2.59
C LYS A 125 19.29 1.48 -1.79
N THR A 126 18.56 0.41 -1.50
CA THR A 126 19.08 -0.72 -0.74
C THR A 126 20.19 -1.46 -1.49
N LEU A 127 20.01 -1.65 -2.80
CA LEU A 127 21.01 -2.32 -3.63
C LEU A 127 22.33 -1.52 -3.70
N ASN A 128 22.24 -0.21 -3.55
CA ASN A 128 23.43 0.66 -3.56
C ASN A 128 24.03 0.91 -2.17
N SER A 129 23.34 0.44 -1.13
CA SER A 129 23.75 0.72 0.26
C SER A 129 24.47 -0.46 0.93
N TYR A 130 24.07 -1.68 0.59
CA TYR A 130 24.70 -2.89 1.09
C TYR A 130 25.76 -3.39 0.10
N ASP A 131 27.00 -3.51 0.55
CA ASP A 131 28.12 -3.92 -0.31
C ASP A 131 27.95 -5.33 -0.89
N ASN A 132 27.33 -6.24 -0.12
CA ASN A 132 27.08 -7.60 -0.59
C ASN A 132 26.07 -7.70 -1.73
N LEU A 133 25.30 -6.63 -1.98
CA LEU A 133 24.33 -6.59 -3.07
C LEU A 133 24.86 -5.91 -4.34
N LYS A 134 26.18 -5.78 -4.46
CA LYS A 134 26.80 -5.06 -5.58
C LYS A 134 26.41 -5.64 -6.95
N ASP A 135 26.42 -6.97 -7.05
CA ASP A 135 26.11 -7.67 -8.29
C ASP A 135 24.63 -8.03 -8.44
N TRP A 136 23.79 -7.55 -7.53
CA TRP A 136 22.36 -7.85 -7.59
C TRP A 136 21.61 -6.85 -8.45
N LYS A 137 20.43 -7.25 -8.93
CA LYS A 137 19.59 -6.35 -9.73
C LYS A 137 18.10 -6.49 -9.40
N LEU A 138 17.40 -5.36 -9.49
CA LEU A 138 15.96 -5.30 -9.26
C LEU A 138 15.24 -5.47 -10.59
N VAL A 139 14.44 -6.54 -10.70
CA VAL A 139 13.65 -6.81 -11.91
C VAL A 139 12.18 -6.43 -11.70
N PRO A 140 11.70 -5.43 -12.45
CA PRO A 140 10.30 -5.03 -12.28
C PRO A 140 9.32 -6.02 -12.94
N SER A 141 8.11 -6.07 -12.38
CA SER A 141 7.00 -6.78 -13.01
C SER A 141 5.71 -6.02 -12.66
N SER A 142 4.86 -6.60 -11.81
CA SER A 142 3.67 -5.92 -11.30
C SER A 142 3.23 -6.56 -9.99
N SER A 143 2.28 -5.93 -9.33
CA SER A 143 1.70 -6.46 -8.09
C SER A 143 1.22 -7.89 -8.24
N GLY A 144 0.40 -8.12 -9.26
CA GLY A 144 -0.15 -9.45 -9.54
C GLY A 144 0.91 -10.43 -10.00
N ALA A 145 1.82 -9.98 -10.88
CA ALA A 145 2.88 -10.84 -11.41
C ALA A 145 3.86 -11.32 -10.33
N MET A 146 4.07 -10.49 -9.30
N MET A 146 4.06 -10.50 -9.30
CA MET A 146 4.98 -10.84 -8.21
CA MET A 146 4.98 -10.82 -8.21
C MET A 146 4.44 -12.00 -7.36
C MET A 146 4.46 -11.96 -7.33
N THR A 147 3.17 -11.93 -7.00
CA THR A 147 2.54 -12.97 -6.17
C THR A 147 2.38 -14.30 -6.92
N VAL A 148 2.12 -14.23 -8.23
CA VAL A 148 2.10 -15.44 -9.06
C VAL A 148 3.48 -16.08 -9.09
N ALA A 149 4.53 -15.26 -9.22
CA ALA A 149 5.91 -15.76 -9.20
C ALA A 149 6.29 -16.34 -7.84
N LEU A 150 5.80 -15.72 -6.77
CA LEU A 150 6.02 -16.22 -5.40
C LEU A 150 5.43 -17.62 -5.24
N GLY A 151 4.22 -17.82 -5.74
CA GLY A 151 3.53 -19.12 -5.66
C GLY A 151 4.26 -20.23 -6.40
N GLU A 152 4.75 -19.93 -7.60
CA GLU A 152 5.43 -20.93 -8.42
C GLU A 152 6.79 -21.31 -7.83
N ALA A 153 7.50 -20.32 -7.30
CA ALA A 153 8.76 -20.56 -6.60
C ALA A 153 8.56 -21.52 -5.42
N ILE A 154 7.55 -21.24 -4.61
CA ILE A 154 7.26 -22.02 -3.41
C ILE A 154 6.87 -23.47 -3.71
N LYS A 155 6.10 -23.67 -4.78
CA LYS A 155 5.78 -25.04 -5.24
C LYS A 155 7.03 -25.84 -5.62
N GLN A 156 8.02 -25.16 -6.19
CA GLN A 156 9.26 -25.80 -6.62
C GLN A 156 10.35 -25.73 -5.55
N HIS A 157 10.06 -25.04 -4.44
CA HIS A 157 11.00 -24.86 -3.34
C HIS A 157 12.21 -24.01 -3.77
N LYS A 158 11.96 -23.04 -4.66
CA LYS A 158 13.02 -22.18 -5.20
C LYS A 158 13.39 -21.08 -4.23
N ASP A 159 14.60 -20.56 -4.39
CA ASP A 159 14.99 -19.30 -3.77
C ASP A 159 14.23 -18.19 -4.48
N ILE A 160 13.73 -17.22 -3.72
CA ILE A 160 13.15 -16.02 -4.29
C ILE A 160 13.16 -14.91 -3.24
N VAL A 161 13.41 -13.69 -3.70
CA VAL A 161 13.39 -12.50 -2.84
C VAL A 161 12.49 -11.46 -3.48
N ILE A 162 11.40 -11.10 -2.78
CA ILE A 162 10.42 -10.18 -3.34
C ILE A 162 10.35 -8.85 -2.59
N THR A 163 9.87 -7.82 -3.29
CA THR A 163 9.58 -6.54 -2.68
C THR A 163 8.21 -6.64 -2.02
N GLY A 164 8.20 -7.02 -0.75
CA GLY A 164 6.97 -7.25 -0.02
C GLY A 164 6.59 -6.08 0.87
N TRP A 165 5.37 -6.13 1.41
CA TRP A 165 4.89 -5.13 2.34
C TRP A 165 3.73 -5.67 3.17
N SER A 166 3.47 -5.01 4.29
CA SER A 166 2.33 -5.31 5.15
C SER A 166 1.52 -4.04 5.31
N PRO A 167 0.18 -4.13 5.34
CA PRO A 167 -0.64 -5.35 5.27
C PRO A 167 -0.74 -5.98 3.87
N HIS A 168 -0.77 -7.30 3.83
CA HIS A 168 -0.91 -8.07 2.60
C HIS A 168 -1.42 -9.46 2.93
N TRP A 169 -2.28 -9.99 2.07
CA TRP A 169 -2.90 -11.32 2.26
C TRP A 169 -1.92 -12.49 2.19
N MET A 170 -0.76 -12.28 1.57
CA MET A 170 0.18 -13.37 1.26
C MET A 170 0.79 -14.02 2.51
N PHE A 171 0.84 -13.28 3.61
CA PHE A 171 1.40 -13.80 4.86
C PHE A 171 0.49 -14.83 5.53
N ASN A 172 -0.80 -14.78 5.21
CA ASN A 172 -1.77 -15.76 5.71
C ASN A 172 -2.05 -16.87 4.67
N LYS A 173 -1.30 -16.85 3.57
CA LYS A 173 -1.38 -17.88 2.53
C LYS A 173 -0.08 -18.69 2.49
N TYR A 174 1.04 -17.99 2.43
CA TYR A 174 2.36 -18.64 2.41
C TYR A 174 3.10 -18.42 3.73
N ASP A 175 4.12 -19.25 3.96
CA ASP A 175 4.97 -19.14 5.15
C ASP A 175 6.18 -18.27 4.76
N LEU A 176 6.11 -16.98 5.07
CA LEU A 176 7.11 -16.00 4.65
C LEU A 176 7.75 -15.28 5.84
N LYS A 177 8.86 -14.58 5.58
CA LYS A 177 9.52 -13.77 6.60
C LYS A 177 10.23 -12.56 5.97
N TYR A 178 10.30 -11.47 6.73
CA TYR A 178 11.07 -10.29 6.33
C TYR A 178 12.55 -10.52 6.64
N LEU A 179 13.42 -10.10 5.72
CA LEU A 179 14.85 -10.06 6.00
C LEU A 179 15.14 -8.80 6.83
N ALA A 180 15.99 -8.94 7.84
CA ALA A 180 16.43 -7.81 8.65
C ALA A 180 17.11 -6.74 7.78
N ASP A 181 16.92 -5.49 8.15
CA ASP A 181 17.41 -4.35 7.38
C ASP A 181 18.10 -3.38 8.35
N PRO A 182 19.29 -3.76 8.84
CA PRO A 182 19.99 -2.96 9.86
C PRO A 182 20.38 -1.54 9.41
N LYS A 183 20.50 -1.31 8.10
CA LYS A 183 20.73 0.04 7.58
C LYS A 183 19.44 0.85 7.42
N GLY A 184 18.29 0.18 7.47
CA GLY A 184 16.99 0.83 7.43
C GLY A 184 16.60 1.44 6.09
N THR A 185 17.23 0.99 5.00
CA THR A 185 17.00 1.58 3.68
C THR A 185 15.64 1.22 3.07
N MET A 186 14.97 0.21 3.63
CA MET A 186 13.61 -0.14 3.21
C MET A 186 12.52 0.56 4.03
N GLY A 187 12.92 1.48 4.92
CA GLY A 187 11.95 2.18 5.78
C GLY A 187 11.81 1.52 7.13
N THR A 188 11.47 2.29 8.15
CA THR A 188 11.52 1.83 9.55
C THR A 188 10.26 2.10 10.37
N SER A 189 9.56 3.22 10.11
CA SER A 189 8.31 3.52 10.80
C SER A 189 7.28 4.09 9.84
N GLU A 190 6.82 3.25 8.92
CA GLU A 190 5.86 3.64 7.91
C GLU A 190 4.43 3.59 8.43
N ASN A 191 3.64 4.57 8.04
CA ASN A 191 2.19 4.53 8.21
C ASN A 191 1.53 4.82 6.85
N ILE A 192 0.30 4.33 6.69
CA ILE A 192 -0.52 4.71 5.52
C ILE A 192 -1.28 5.97 5.90
N ASN A 193 -1.19 6.98 5.04
CA ASN A 193 -1.72 8.32 5.35
C ASN A 193 -2.80 8.78 4.38
N THR A 194 -3.58 9.75 4.84
CA THR A 194 -4.59 10.41 4.02
C THR A 194 -4.10 11.80 3.63
N ILE A 195 -4.20 12.14 2.35
CA ILE A 195 -3.94 13.50 1.88
C ILE A 195 -5.14 13.99 1.09
N VAL A 196 -5.40 15.30 1.16
CA VAL A 196 -6.49 15.91 0.42
C VAL A 196 -5.97 17.16 -0.30
N ARG A 197 -6.71 17.59 -1.32
CA ARG A 197 -6.35 18.78 -2.06
C ARG A 197 -6.49 20.01 -1.16
N LYS A 198 -5.68 21.03 -1.42
CA LYS A 198 -5.79 22.29 -0.69
C LYS A 198 -7.07 22.96 -1.13
N GLY A 199 -7.86 23.44 -0.18
CA GLY A 199 -9.14 24.06 -0.47
C GLY A 199 -10.34 23.18 -0.14
N LEU A 200 -10.12 21.88 0.04
CA LEU A 200 -11.22 20.95 0.36
C LEU A 200 -11.89 21.30 1.68
N LYS A 201 -11.08 21.63 2.68
CA LYS A 201 -11.57 22.03 4.00
C LYS A 201 -12.61 23.15 3.88
N LYS A 202 -12.30 24.15 3.08
CA LYS A 202 -13.18 25.30 2.87
C LYS A 202 -14.31 24.99 1.90
N GLU A 203 -13.99 24.35 0.78
CA GLU A 203 -14.95 24.17 -0.32
C GLU A 203 -15.90 22.98 -0.12
N ASN A 204 -15.39 21.87 0.40
CA ASN A 204 -16.18 20.67 0.62
C ASN A 204 -15.98 20.13 2.04
N PRO A 205 -16.49 20.88 3.05
CA PRO A 205 -16.25 20.54 4.45
C PRO A 205 -16.77 19.17 4.89
N GLU A 206 -17.86 18.70 4.28
CA GLU A 206 -18.45 17.41 4.65
C GLU A 206 -17.54 16.24 4.28
N ALA A 207 -16.93 16.31 3.09
CA ALA A 207 -15.99 15.29 2.64
C ALA A 207 -14.69 15.33 3.44
N TYR A 208 -14.20 16.54 3.71
CA TYR A 208 -12.96 16.74 4.47
C TYR A 208 -13.00 16.05 5.84
N LYS A 209 -14.10 16.24 6.57
CA LYS A 209 -14.24 15.67 7.92
C LYS A 209 -14.19 14.14 7.92
N VAL A 210 -14.86 13.51 6.96
CA VAL A 210 -14.87 12.06 6.83
C VAL A 210 -13.47 11.55 6.49
N LEU A 211 -12.83 12.18 5.52
CA LEU A 211 -11.48 11.82 5.12
C LEU A 211 -10.47 12.02 6.25
N ASP A 212 -10.70 13.04 7.07
CA ASP A 212 -9.84 13.32 8.21
C ASP A 212 -9.99 12.25 9.31
N LYS A 213 -11.22 11.76 9.49
CA LYS A 213 -11.51 10.79 10.55
C LYS A 213 -11.22 9.33 10.15
N PHE A 214 -11.26 9.03 8.86
CA PHE A 214 -11.05 7.66 8.37
C PHE A 214 -9.81 7.01 8.99
N ASN A 215 -10.02 5.86 9.64
CA ASN A 215 -8.94 5.05 10.16
C ASN A 215 -9.37 3.61 10.39
N TRP A 216 -8.42 2.68 10.30
CA TRP A 216 -8.66 1.26 10.58
C TRP A 216 -7.32 0.51 10.78
N THR A 217 -7.38 -0.79 11.05
CA THR A 217 -6.18 -1.54 11.45
C THR A 217 -5.67 -2.50 10.36
N THR A 218 -4.46 -3.00 10.60
CA THR A 218 -3.83 -4.02 9.73
C THR A 218 -4.78 -5.21 9.54
N LYS A 219 -5.35 -5.70 10.63
CA LYS A 219 -6.25 -6.85 10.59
C LYS A 219 -7.52 -6.58 9.79
N ASP A 220 -8.04 -5.36 9.87
CA ASP A 220 -9.23 -4.98 9.10
C ASP A 220 -8.95 -5.06 7.60
N MET A 221 -7.83 -4.46 7.17
CA MET A 221 -7.42 -4.50 5.77
C MET A 221 -7.13 -5.92 5.32
N GLU A 222 -6.53 -6.72 6.19
CA GLU A 222 -6.28 -8.14 5.91
C GLU A 222 -7.61 -8.87 5.68
N ALA A 223 -8.61 -8.55 6.49
CA ALA A 223 -9.93 -9.17 6.38
C ALA A 223 -10.59 -8.90 5.02
N VAL A 224 -10.53 -7.65 4.57
CA VAL A 224 -11.11 -7.27 3.29
C VAL A 224 -10.35 -7.88 2.12
N MET A 225 -9.01 -7.81 2.17
CA MET A 225 -8.16 -8.41 1.14
C MET A 225 -8.40 -9.92 1.01
N LEU A 226 -8.54 -10.58 2.16
CA LEU A 226 -8.85 -12.01 2.23
C LEU A 226 -10.11 -12.36 1.43
N ASP A 227 -11.17 -11.59 1.63
CA ASP A 227 -12.44 -11.81 0.90
C ASP A 227 -12.27 -11.67 -0.60
N ILE A 228 -11.54 -10.65 -1.03
CA ILE A 228 -11.30 -10.42 -2.44
C ILE A 228 -10.52 -11.57 -3.08
N GLN A 229 -9.54 -12.11 -2.35
CA GLN A 229 -8.78 -13.27 -2.83
C GLN A 229 -9.62 -14.53 -2.99
N ASN A 230 -10.70 -14.63 -2.20
CA ASN A 230 -11.58 -15.80 -2.23
C ASN A 230 -12.80 -15.66 -3.14
N GLY A 231 -12.77 -14.67 -4.04
CA GLY A 231 -13.77 -14.54 -5.10
C GLY A 231 -14.82 -13.45 -4.93
N LYS A 232 -14.86 -12.82 -3.76
CA LYS A 232 -15.82 -11.73 -3.51
C LYS A 232 -15.36 -10.47 -4.25
N THR A 233 -16.29 -9.73 -4.85
CA THR A 233 -15.94 -8.46 -5.49
C THR A 233 -15.49 -7.47 -4.41
N PRO A 234 -14.69 -6.47 -4.78
CA PRO A 234 -14.27 -5.48 -3.79
C PRO A 234 -15.44 -4.77 -3.10
N GLU A 235 -16.50 -4.49 -3.86
CA GLU A 235 -17.71 -3.86 -3.32
C GLU A 235 -18.34 -4.70 -2.21
N GLU A 236 -18.64 -5.96 -2.50
CA GLU A 236 -19.29 -6.83 -1.52
C GLU A 236 -18.35 -7.22 -0.36
N ALA A 237 -17.04 -7.25 -0.62
CA ALA A 237 -16.05 -7.41 0.43
C ALA A 237 -16.05 -6.20 1.38
N ALA A 238 -16.18 -5.01 0.81
CA ALA A 238 -16.28 -3.78 1.60
C ALA A 238 -17.55 -3.76 2.44
N LYS A 239 -18.67 -4.14 1.83
CA LYS A 239 -19.96 -4.19 2.52
C LYS A 239 -19.98 -5.16 3.70
N ASN A 240 -19.36 -6.33 3.52
CA ASN A 240 -19.28 -7.33 4.59
C ASN A 240 -18.53 -6.81 5.81
N TRP A 241 -17.38 -6.14 5.59
CA TRP A 241 -16.59 -5.61 6.69
C TRP A 241 -17.32 -4.45 7.40
N ILE A 242 -17.98 -3.59 6.62
CA ILE A 242 -18.71 -2.45 7.19
C ILE A 242 -19.82 -2.92 8.12
N LYS A 243 -20.65 -3.85 7.66
CA LYS A 243 -21.70 -4.44 8.49
C LYS A 243 -21.13 -4.99 9.80
N ASP A 244 -20.07 -5.78 9.67
CA ASP A 244 -19.40 -6.43 10.81
C ASP A 244 -18.79 -5.43 11.81
N HIS A 245 -18.41 -4.24 11.33
CA HIS A 245 -17.81 -3.22 12.18
C HIS A 245 -18.55 -1.88 12.05
N GLN A 246 -19.88 -1.95 12.11
CA GLN A 246 -20.73 -0.80 11.80
C GLN A 246 -20.51 0.40 12.73
N LYS A 247 -20.35 0.15 14.03
CA LYS A 247 -20.18 1.26 14.97
C LYS A 247 -18.82 1.94 14.83
N GLU A 248 -17.80 1.16 14.43
CA GLU A 248 -16.49 1.72 14.10
C GLU A 248 -16.58 2.64 12.87
N VAL A 249 -17.36 2.23 11.88
CA VAL A 249 -17.55 3.00 10.64
C VAL A 249 -18.36 4.28 10.88
N ASP A 250 -19.34 4.22 11.76
CA ASP A 250 -20.19 5.38 12.07
C ASP A 250 -19.40 6.56 12.65
N LYS A 251 -18.29 6.27 13.34
CA LYS A 251 -17.44 7.31 13.92
C LYS A 251 -16.80 8.25 12.90
N TRP A 252 -16.63 7.78 11.67
CA TRP A 252 -16.06 8.62 10.60
C TRP A 252 -17.01 9.74 10.19
N PHE A 253 -18.31 9.54 10.40
CA PHE A 253 -19.34 10.46 9.90
C PHE A 253 -19.94 11.38 10.97
N LYS A 254 -19.38 11.37 12.18
CA LYS A 254 -19.81 12.30 13.23
C LYS A 254 -18.69 13.28 13.58
#